data_8BZY
#
_entry.id   8BZY
#
_cell.length_a   1.00
_cell.length_b   1.00
_cell.length_c   1.00
_cell.angle_alpha   90.00
_cell.angle_beta   90.00
_cell.angle_gamma   90.00
#
_symmetry.space_group_name_H-M   'P 1'
#
loop_
_entity.id
_entity.type
_entity.pdbx_description
1 polymer 'Solute carrier family 40 member 1'
2 polymer 'Sybody 3'
3 non-polymer 'DIUNDECYL PHOSPHATIDYL CHOLINE'
4 non-polymer 2-[2-[2-(1~{H}-benzimidazol-2-yl)ethylamino]ethyl]-~{N}-[(3-fluoranylpyridin-2-yl)methyl]-1,3-oxazole-4-carboxamide
#
loop_
_entity_poly.entity_id
_entity_poly.type
_entity_poly.pdbx_seq_one_letter_code
_entity_poly.pdbx_strand_id
1 'polypeptide(L)'
;MSTRAGDHNRQRGCCGSLADYLTSAKFLLYLGHSLSTWGDRMWHFAVSVFLVELYGNSLLLTAVYGLVVAGSVLVLGAII
GDWVDKNARLKVAQTSLVVQNVSVILCGIILMMVFLHKHELLTMYHGWVLTSCYILIITIANIANLASTATAITIQRDWI
VVVAGEDRSKLANMNATIRRIDQLTNILAPMAVGQIMTFGSPVIGCGFISGWNLVSMCVEYVLLWKVYQKTPALAVKAGL
KEEETELKQLNLHKDTEPKPLEGTHLMGVKDSNIHELEHEQEPTCASQMAEPFRTFRDGWVSYYNQPVFLAGMGLAFLYM
TVLGFDCITTGYAYTQGLSGSILSILMGASAITGIMGTVAFTWLRRKCGLVRTGLISGLAQLSCLILCVISVFMPGSPLD
LSVSPFEDIRSRFIQGESITPTKIPEITTEIYMSNGSNSANIVPETSPESVPIISVSLLFAGVIAARIGLWSFDLTVTQL
LQENVIESERGIINGVQNSMNYLLDLLHFIMVILAPNPEAFGLLVLISVSFVAMGHIMYFRFAQNTLGNKLFACGPDAKE
VRKENQANTSVVALEVLFQG
;
A
2 'polypeptide(L)'
;QVQLVESGGGLVQAGGSLRLSCAASGFPVAWNEMRWYRQAPGKEREWVAAIASIGVTTYYADSVKGRFTISRDNAKNTVY
LQMNSLKPEDTAVYYCNVKDYGMAFWYYDYWGQGTQVTVSAGRAGEQKLISEEDLNSAVDHHHHHH
;
B
#
loop_
_chem_comp.id
_chem_comp.type
_chem_comp.name
_chem_comp.formula
PLC non-polymer 'DIUNDECYL PHOSPHATIDYL CHOLINE' 'C32 H65 N O8 P 1'
SZU non-polymer 2-[2-[2-(1~{H}-benzimidazol-2-yl)ethylamino]ethyl]-~{N}-[(3-fluoranylpyridin-2-yl)methyl]-1,3-oxazole-4-carboxamide 'C21 H21 F N6 O2'
#
# COMPACT_ATOMS: atom_id res chain seq x y z
N ALA A 19 -11.06 -34.90 10.88
CA ALA A 19 -10.61 -33.53 10.61
C ALA A 19 -11.58 -32.51 11.16
N ASP A 20 -11.70 -32.46 12.50
CA ASP A 20 -12.55 -31.48 13.15
C ASP A 20 -11.95 -30.08 13.13
N TYR A 21 -10.70 -29.94 12.69
CA TYR A 21 -10.08 -28.62 12.60
C TYR A 21 -10.83 -27.72 11.62
N LEU A 22 -11.42 -28.30 10.58
CA LEU A 22 -12.14 -27.50 9.58
C LEU A 22 -13.40 -26.86 10.11
N THR A 23 -13.89 -27.28 11.29
CA THR A 23 -15.09 -26.70 11.87
C THR A 23 -14.86 -26.11 13.25
N SER A 24 -13.61 -25.98 13.68
CA SER A 24 -13.32 -25.39 14.98
C SER A 24 -13.52 -23.88 14.94
N ALA A 25 -13.59 -23.28 16.13
CA ALA A 25 -13.75 -21.83 16.22
C ALA A 25 -12.57 -21.10 15.62
N LYS A 26 -11.35 -21.60 15.88
CA LYS A 26 -10.15 -20.93 15.39
C LYS A 26 -10.12 -20.88 13.86
N PHE A 27 -10.39 -22.01 13.20
CA PHE A 27 -10.35 -22.02 11.74
C PHE A 27 -11.50 -21.23 11.14
N LEU A 28 -12.68 -21.26 11.76
CA LEU A 28 -13.78 -20.45 11.25
C LEU A 28 -13.47 -18.97 11.36
N LEU A 29 -12.83 -18.56 12.46
CA LEU A 29 -12.38 -17.18 12.59
C LEU A 29 -11.36 -16.84 11.51
N TYR A 30 -10.42 -17.76 11.25
CA TYR A 30 -9.45 -17.54 10.17
C TYR A 30 -10.14 -17.35 8.83
N LEU A 31 -11.13 -18.20 8.53
CA LEU A 31 -11.81 -18.13 7.25
C LEU A 31 -12.60 -16.83 7.11
N GLY A 32 -13.29 -16.42 8.18
CA GLY A 32 -14.00 -15.16 8.15
C GLY A 32 -13.07 -13.99 7.92
N HIS A 33 -11.95 -13.96 8.64
CA HIS A 33 -10.98 -12.89 8.45
C HIS A 33 -10.40 -12.90 7.04
N SER A 34 -10.14 -14.09 6.49
CA SER A 34 -9.58 -14.19 5.15
C SER A 34 -10.56 -13.64 4.12
N LEU A 35 -11.84 -14.01 4.21
CA LEU A 35 -12.83 -13.48 3.28
C LEU A 35 -12.98 -11.97 3.42
N SER A 36 -13.03 -11.47 4.66
CA SER A 36 -13.16 -10.04 4.87
C SER A 36 -11.97 -9.28 4.30
N THR A 37 -10.76 -9.78 4.55
CA THR A 37 -9.56 -9.12 4.04
C THR A 37 -9.48 -9.18 2.53
N TRP A 38 -9.91 -10.30 1.93
CA TRP A 38 -9.92 -10.39 0.47
C TRP A 38 -10.86 -9.36 -0.13
N GLY A 39 -12.07 -9.25 0.43
CA GLY A 39 -12.99 -8.22 -0.05
C GLY A 39 -12.42 -6.82 0.12
N ASP A 40 -11.83 -6.56 1.28
CA ASP A 40 -11.28 -5.24 1.57
C ASP A 40 -10.17 -4.88 0.58
N ARG A 41 -9.27 -5.83 0.32
CA ARG A 41 -8.14 -5.54 -0.56
C ARG A 41 -8.58 -5.42 -2.02
N MET A 42 -9.54 -6.25 -2.45
CA MET A 42 -10.06 -6.10 -3.80
C MET A 42 -10.72 -4.74 -3.99
N TRP A 43 -11.50 -4.30 -3.00
CA TRP A 43 -12.14 -2.99 -3.12
C TRP A 43 -11.11 -1.86 -3.06
N HIS A 44 -10.07 -2.01 -2.25
CA HIS A 44 -9.00 -1.01 -2.21
C HIS A 44 -8.31 -0.90 -3.56
N PHE A 45 -8.03 -2.04 -4.19
CA PHE A 45 -7.43 -2.01 -5.52
C PHE A 45 -8.38 -1.39 -6.54
N ALA A 46 -9.68 -1.65 -6.41
CA ALA A 46 -10.64 -1.03 -7.32
C ALA A 46 -10.65 0.48 -7.17
N VAL A 47 -10.59 0.98 -5.93
CA VAL A 47 -10.55 2.42 -5.71
C VAL A 47 -9.25 3.01 -6.24
N SER A 48 -8.14 2.29 -6.08
CA SER A 48 -6.87 2.75 -6.64
C SER A 48 -6.93 2.83 -8.16
N VAL A 49 -7.53 1.82 -8.80
CA VAL A 49 -7.69 1.85 -10.25
C VAL A 49 -8.58 3.01 -10.67
N PHE A 50 -9.63 3.29 -9.88
CA PHE A 50 -10.48 4.44 -10.18
C PHE A 50 -9.69 5.74 -10.12
N LEU A 51 -8.84 5.89 -9.09
CA LEU A 51 -8.03 7.10 -8.98
C LEU A 51 -7.07 7.22 -10.15
N VAL A 52 -6.42 6.12 -10.53
CA VAL A 52 -5.39 6.18 -11.57
C VAL A 52 -6.00 6.39 -12.95
N GLU A 53 -7.09 5.70 -13.26
CA GLU A 53 -7.66 5.76 -14.60
C GLU A 53 -8.28 7.12 -14.88
N LEU A 54 -9.10 7.63 -13.96
CA LEU A 54 -9.78 8.90 -14.19
C LEU A 54 -8.81 10.06 -14.05
N TYR A 55 -8.21 10.21 -12.87
CA TYR A 55 -7.25 11.27 -12.61
C TYR A 55 -5.83 10.76 -12.82
N GLY A 56 -4.95 11.66 -13.21
CA GLY A 56 -3.57 11.28 -13.44
C GLY A 56 -2.86 10.83 -12.17
N ASN A 57 -1.57 10.54 -12.27
CA ASN A 57 -0.78 10.16 -11.09
C ASN A 57 -0.56 11.42 -10.25
N SER A 58 -1.62 11.83 -9.56
CA SER A 58 -1.63 13.07 -8.81
C SER A 58 -1.43 12.79 -7.33
N LEU A 59 -0.49 13.50 -6.71
CA LEU A 59 -0.27 13.35 -5.28
C LEU A 59 -1.39 13.98 -4.46
N LEU A 60 -1.97 15.08 -4.95
CA LEU A 60 -2.96 15.81 -4.17
C LEU A 60 -4.22 14.97 -3.94
N LEU A 61 -4.68 14.26 -4.96
CA LEU A 61 -5.93 13.49 -4.81
C LEU A 61 -5.77 12.34 -3.84
N THR A 62 -4.73 11.53 -4.01
CA THR A 62 -4.50 10.41 -3.09
C THR A 62 -4.21 10.92 -1.70
N ALA A 63 -3.48 12.03 -1.59
CA ALA A 63 -3.20 12.61 -0.28
C ALA A 63 -4.47 13.09 0.41
N VAL A 64 -5.38 13.71 -0.35
CA VAL A 64 -6.65 14.14 0.23
C VAL A 64 -7.48 12.95 0.67
N TYR A 65 -7.48 11.88 -0.12
CA TYR A 65 -8.18 10.66 0.29
C TYR A 65 -7.61 10.12 1.59
N GLY A 66 -6.29 10.06 1.70
CA GLY A 66 -5.66 9.61 2.92
C GLY A 66 -5.96 10.52 4.10
N LEU A 67 -5.93 11.83 3.88
CA LEU A 67 -6.25 12.78 4.95
C LEU A 67 -7.67 12.60 5.44
N VAL A 68 -8.62 12.41 4.52
CA VAL A 68 -10.01 12.25 4.92
C VAL A 68 -10.17 10.98 5.75
N VAL A 69 -9.61 9.86 5.27
CA VAL A 69 -9.76 8.59 5.99
C VAL A 69 -9.10 8.69 7.37
N ALA A 70 -7.86 9.20 7.42
CA ALA A 70 -7.13 9.26 8.67
C ALA A 70 -7.80 10.21 9.65
N GLY A 71 -8.28 11.36 9.19
CA GLY A 71 -8.95 12.29 10.09
C GLY A 71 -10.26 11.73 10.62
N SER A 72 -11.03 11.07 9.76
CA SER A 72 -12.28 10.46 10.23
C SER A 72 -12.02 9.41 11.29
N VAL A 73 -11.03 8.54 11.05
CA VAL A 73 -10.74 7.51 12.05
C VAL A 73 -10.18 8.14 13.32
N LEU A 74 -9.36 9.19 13.19
CA LEU A 74 -8.83 9.87 14.37
C LEU A 74 -9.93 10.47 15.21
N VAL A 75 -10.94 11.07 14.57
CA VAL A 75 -12.04 11.66 15.32
C VAL A 75 -12.92 10.58 15.95
N LEU A 76 -13.22 9.51 15.21
CA LEU A 76 -14.25 8.56 15.61
C LEU A 76 -13.70 7.28 16.23
N GLY A 77 -12.40 7.19 16.49
CA GLY A 77 -11.86 5.98 17.07
C GLY A 77 -12.43 5.68 18.45
N ALA A 78 -12.48 6.71 19.30
CA ALA A 78 -13.04 6.52 20.64
C ALA A 78 -14.52 6.18 20.57
N ILE A 79 -15.26 6.81 19.65
CA ILE A 79 -16.68 6.53 19.53
C ILE A 79 -16.92 5.10 19.09
N ILE A 80 -16.15 4.64 18.10
CA ILE A 80 -16.30 3.26 17.62
C ILE A 80 -15.93 2.27 18.72
N GLY A 81 -14.83 2.55 19.44
CA GLY A 81 -14.45 1.68 20.53
C GLY A 81 -15.51 1.61 21.61
N ASP A 82 -16.10 2.75 21.96
CA ASP A 82 -17.14 2.77 22.98
C ASP A 82 -18.37 2.00 22.52
N TRP A 83 -18.75 2.14 21.25
CA TRP A 83 -19.88 1.38 20.73
C TRP A 83 -19.61 -0.11 20.77
N VAL A 84 -18.39 -0.52 20.41
CA VAL A 84 -18.02 -1.94 20.49
C VAL A 84 -18.06 -2.41 21.93
N ASP A 85 -17.64 -1.55 22.87
CA ASP A 85 -17.54 -1.95 24.27
C ASP A 85 -18.90 -2.10 24.92
N LYS A 86 -19.85 -1.22 24.59
CA LYS A 86 -21.13 -1.18 25.30
C LYS A 86 -22.19 -2.08 24.70
N ASN A 87 -21.90 -2.80 23.62
CA ASN A 87 -22.90 -3.64 22.96
C ASN A 87 -22.46 -5.09 22.97
N ALA A 88 -23.43 -5.98 22.77
CA ALA A 88 -23.14 -7.40 22.72
C ALA A 88 -22.22 -7.71 21.55
N ARG A 89 -21.47 -8.82 21.67
CA ARG A 89 -20.42 -9.11 20.70
C ARG A 89 -20.99 -9.47 19.34
N LEU A 90 -21.99 -10.35 19.30
CA LEU A 90 -22.55 -10.76 18.02
C LEU A 90 -23.20 -9.58 17.30
N LYS A 91 -23.91 -8.73 18.05
CA LYS A 91 -24.57 -7.59 17.43
C LYS A 91 -23.58 -6.65 16.78
N VAL A 92 -22.52 -6.28 17.51
CA VAL A 92 -21.53 -5.35 16.96
C VAL A 92 -20.79 -5.98 15.79
N ALA A 93 -20.42 -7.26 15.92
CA ALA A 93 -19.69 -7.92 14.83
C ALA A 93 -20.53 -7.96 13.56
N GLN A 94 -21.79 -8.37 13.67
CA GLN A 94 -22.64 -8.48 12.48
C GLN A 94 -22.99 -7.11 11.92
N THR A 95 -23.23 -6.12 12.78
CA THR A 95 -23.52 -4.78 12.28
C THR A 95 -22.35 -4.19 11.53
N SER A 96 -21.13 -4.34 12.08
CA SER A 96 -19.95 -3.86 11.38
C SER A 96 -19.74 -4.58 10.06
N LEU A 97 -19.94 -5.90 10.05
CA LEU A 97 -19.80 -6.67 8.82
C LEU A 97 -20.77 -6.17 7.76
N VAL A 98 -22.04 -6.02 8.14
CA VAL A 98 -23.07 -5.60 7.18
C VAL A 98 -22.78 -4.20 6.66
N VAL A 99 -22.42 -3.28 7.55
CA VAL A 99 -22.15 -1.90 7.12
C VAL A 99 -20.97 -1.87 6.16
N GLN A 100 -19.88 -2.59 6.49
CA GLN A 100 -18.72 -2.60 5.62
C GLN A 100 -19.05 -3.17 4.26
N ASN A 101 -19.74 -4.31 4.22
CA ASN A 101 -20.00 -4.94 2.94
C ASN A 101 -21.00 -4.15 2.10
N VAL A 102 -22.00 -3.52 2.73
CA VAL A 102 -22.94 -2.72 1.98
C VAL A 102 -22.27 -1.47 1.42
N SER A 103 -21.40 -0.83 2.21
CA SER A 103 -20.66 0.31 1.70
C SER A 103 -19.75 -0.09 0.54
N VAL A 104 -19.09 -1.25 0.65
CA VAL A 104 -18.23 -1.71 -0.43
C VAL A 104 -19.06 -2.04 -1.68
N ILE A 105 -20.26 -2.60 -1.50
CA ILE A 105 -21.12 -2.90 -2.65
C ILE A 105 -21.53 -1.61 -3.35
N LEU A 106 -21.93 -0.60 -2.58
CA LEU A 106 -22.30 0.68 -3.20
C LEU A 106 -21.11 1.31 -3.91
N CYS A 107 -19.93 1.25 -3.29
CA CYS A 107 -18.74 1.79 -3.92
C CYS A 107 -18.42 1.04 -5.22
N GLY A 108 -18.59 -0.28 -5.23
CA GLY A 108 -18.36 -1.04 -6.44
C GLY A 108 -19.34 -0.70 -7.54
N ILE A 109 -20.61 -0.50 -7.19
CA ILE A 109 -21.60 -0.10 -8.19
C ILE A 109 -21.25 1.26 -8.77
N ILE A 110 -20.86 2.21 -7.92
CA ILE A 110 -20.50 3.54 -8.41
C ILE A 110 -19.24 3.46 -9.28
N LEU A 111 -18.28 2.64 -8.89
CA LEU A 111 -17.06 2.48 -9.70
C LEU A 111 -17.39 1.86 -11.06
N MET A 112 -18.29 0.89 -11.09
CA MET A 112 -18.72 0.32 -12.37
C MET A 112 -19.39 1.38 -13.23
N MET A 113 -20.23 2.23 -12.61
CA MET A 113 -20.90 3.28 -13.37
C MET A 113 -19.89 4.28 -13.94
N VAL A 114 -18.90 4.70 -13.15
CA VAL A 114 -17.94 5.69 -13.65
C VAL A 114 -17.05 5.09 -14.73
N PHE A 115 -16.55 3.86 -14.51
CA PHE A 115 -15.77 3.21 -15.55
C PHE A 115 -16.59 3.00 -16.82
N LEU A 116 -17.90 2.83 -16.68
CA LEU A 116 -18.76 2.69 -17.85
C LEU A 116 -18.85 4.02 -18.62
N HIS A 117 -18.80 5.14 -17.92
CA HIS A 117 -18.89 6.47 -18.54
C HIS A 117 -17.57 7.23 -18.42
N LYS A 118 -16.44 6.52 -18.48
CA LYS A 118 -15.15 7.18 -18.30
C LYS A 118 -14.88 8.19 -19.40
N HIS A 119 -15.16 7.82 -20.66
CA HIS A 119 -14.87 8.71 -21.78
C HIS A 119 -15.71 9.99 -21.69
N GLU A 120 -17.01 9.84 -21.39
CA GLU A 120 -17.87 11.01 -21.27
C GLU A 120 -17.43 11.92 -20.12
N LEU A 121 -17.06 11.32 -18.98
CA LEU A 121 -16.61 12.13 -17.85
C LEU A 121 -15.32 12.88 -18.17
N LEU A 122 -14.39 12.21 -18.85
CA LEU A 122 -13.11 12.86 -19.15
C LEU A 122 -13.24 13.90 -20.25
N THR A 123 -14.18 13.72 -21.18
CA THR A 123 -14.25 14.59 -22.35
C THR A 123 -15.54 15.41 -22.40
N MET A 124 -16.71 14.76 -22.36
CA MET A 124 -17.95 15.46 -22.65
C MET A 124 -18.54 16.17 -21.43
N TYR A 125 -18.69 15.46 -20.31
CA TYR A 125 -19.33 16.04 -19.14
C TYR A 125 -18.49 17.16 -18.54
N HIS A 126 -19.16 18.03 -17.79
CA HIS A 126 -18.52 19.21 -17.22
C HIS A 126 -17.47 18.82 -16.19
N GLY A 127 -16.73 19.81 -15.68
CA GLY A 127 -15.67 19.54 -14.74
C GLY A 127 -16.10 19.29 -13.31
N TRP A 128 -17.39 19.47 -13.02
CA TRP A 128 -17.88 19.24 -11.66
C TRP A 128 -18.37 17.81 -11.43
N VAL A 129 -18.73 17.10 -12.49
CA VAL A 129 -19.23 15.73 -12.32
C VAL A 129 -18.12 14.82 -11.81
N LEU A 130 -16.91 14.97 -12.35
CA LEU A 130 -15.79 14.17 -11.87
C LEU A 130 -15.48 14.48 -10.40
N THR A 131 -15.54 15.75 -10.02
CA THR A 131 -15.30 16.12 -8.62
C THR A 131 -16.38 15.54 -7.71
N SER A 132 -17.64 15.57 -8.16
CA SER A 132 -18.71 14.96 -7.38
C SER A 132 -18.50 13.46 -7.23
N CYS A 133 -18.08 12.80 -8.31
CA CYS A 133 -17.79 11.37 -8.23
C CYS A 133 -16.66 11.09 -7.25
N TYR A 134 -15.61 11.91 -7.27
CA TYR A 134 -14.52 11.74 -6.32
C TYR A 134 -14.99 11.93 -4.89
N ILE A 135 -15.83 12.95 -4.65
CA ILE A 135 -16.33 13.19 -3.30
C ILE A 135 -17.17 12.00 -2.83
N LEU A 136 -18.04 11.50 -3.70
CA LEU A 136 -18.87 10.35 -3.34
C LEU A 136 -18.01 9.13 -3.05
N ILE A 137 -16.99 8.89 -3.88
CA ILE A 137 -16.15 7.71 -3.69
C ILE A 137 -15.35 7.81 -2.40
N ILE A 138 -14.79 8.98 -2.10
CA ILE A 138 -14.01 9.11 -0.88
C ILE A 138 -14.91 9.01 0.35
N THR A 139 -16.13 9.54 0.28
CA THR A 139 -17.03 9.41 1.43
C THR A 139 -17.44 7.96 1.66
N ILE A 140 -17.77 7.24 0.60
CA ILE A 140 -18.13 5.83 0.76
C ILE A 140 -16.92 5.02 1.23
N ALA A 141 -15.73 5.36 0.74
CA ALA A 141 -14.52 4.69 1.18
C ALA A 141 -14.25 4.97 2.65
N ASN A 142 -14.52 6.20 3.10
CA ASN A 142 -14.36 6.52 4.51
C ASN A 142 -15.33 5.72 5.38
N ILE A 143 -16.58 5.58 4.92
CA ILE A 143 -17.54 4.77 5.67
C ILE A 143 -17.09 3.32 5.73
N ALA A 144 -16.63 2.79 4.60
CA ALA A 144 -16.16 1.41 4.56
C ALA A 144 -14.96 1.20 5.47
N ASN A 145 -14.04 2.18 5.49
CA ASN A 145 -12.86 2.06 6.35
C ASN A 145 -13.23 2.17 7.82
N LEU A 146 -14.22 3.00 8.16
CA LEU A 146 -14.71 3.06 9.53
C LEU A 146 -15.30 1.73 9.96
N ALA A 147 -16.12 1.13 9.10
CA ALA A 147 -16.69 -0.18 9.42
C ALA A 147 -15.60 -1.25 9.52
N SER A 148 -14.58 -1.16 8.65
CA SER A 148 -13.48 -2.10 8.72
C SER A 148 -12.69 -1.95 10.01
N THR A 149 -12.49 -0.71 10.46
CA THR A 149 -11.83 -0.49 11.75
C THR A 149 -12.67 -1.06 12.89
N ALA A 150 -13.99 -0.85 12.83
CA ALA A 150 -14.86 -1.40 13.87
C ALA A 150 -14.78 -2.92 13.91
N THR A 151 -14.86 -3.57 12.75
CA THR A 151 -14.82 -5.02 12.73
C THR A 151 -13.45 -5.55 13.12
N ALA A 152 -12.37 -4.85 12.74
CA ALA A 152 -11.05 -5.22 13.19
C ALA A 152 -10.96 -5.20 14.71
N ILE A 153 -11.36 -4.07 15.31
CA ILE A 153 -11.35 -3.95 16.77
C ILE A 153 -12.12 -5.12 17.39
N THR A 154 -13.42 -5.21 17.09
CA THR A 154 -14.23 -6.21 17.77
C THR A 154 -13.68 -7.62 17.53
N ILE A 155 -13.64 -8.06 16.26
CA ILE A 155 -13.24 -9.43 15.94
C ILE A 155 -11.88 -9.71 16.55
N GLN A 156 -10.84 -9.01 16.08
CA GLN A 156 -9.50 -9.34 16.52
C GLN A 156 -9.41 -9.28 18.03
N ARG A 157 -9.53 -8.10 18.63
CA ARG A 157 -9.28 -8.01 20.07
C ARG A 157 -10.21 -8.93 20.85
N ASP A 158 -11.52 -8.63 20.84
CA ASP A 158 -12.43 -9.36 21.71
C ASP A 158 -12.47 -10.83 21.37
N TRP A 159 -12.81 -11.17 20.13
CA TRP A 159 -13.06 -12.56 19.79
C TRP A 159 -11.79 -13.39 19.86
N ILE A 160 -10.64 -12.88 19.37
CA ILE A 160 -9.43 -13.68 19.44
C ILE A 160 -8.98 -13.87 20.87
N VAL A 161 -9.09 -12.83 21.71
CA VAL A 161 -8.72 -13.01 23.12
C VAL A 161 -9.62 -14.03 23.79
N VAL A 162 -10.93 -13.96 23.53
CA VAL A 162 -11.85 -14.89 24.18
C VAL A 162 -11.63 -16.32 23.70
N VAL A 163 -11.46 -16.50 22.40
CA VAL A 163 -11.23 -17.84 21.86
C VAL A 163 -9.92 -18.41 22.39
N ALA A 164 -8.86 -17.60 22.41
CA ALA A 164 -7.61 -18.05 22.98
C ALA A 164 -7.76 -18.34 24.47
N GLY A 165 -8.50 -17.49 25.18
CA GLY A 165 -8.70 -17.73 26.61
C GLY A 165 -7.47 -17.35 27.40
N GLU A 166 -7.03 -18.27 28.26
CA GLU A 166 -5.85 -18.05 29.08
C GLU A 166 -4.58 -18.64 28.47
N ASP A 167 -4.67 -19.21 27.27
CA ASP A 167 -3.51 -19.81 26.61
C ASP A 167 -2.84 -18.76 25.75
N ARG A 168 -1.66 -18.31 26.17
CA ARG A 168 -0.96 -17.25 25.44
C ARG A 168 -0.29 -17.75 24.17
N SER A 169 0.19 -19.00 24.15
CA SER A 169 0.77 -19.55 22.93
C SER A 169 -0.25 -19.62 21.82
N LYS A 170 -1.47 -20.05 22.14
CA LYS A 170 -2.54 -20.08 21.15
C LYS A 170 -2.87 -18.67 20.66
N LEU A 171 -2.88 -17.69 21.57
CA LEU A 171 -3.16 -16.31 21.19
C LEU A 171 -2.09 -15.78 20.24
N ALA A 172 -0.81 -16.04 20.54
CA ALA A 172 0.27 -15.59 19.67
C ALA A 172 0.19 -16.25 18.31
N ASN A 173 -0.10 -17.56 18.27
CA ASN A 173 -0.23 -18.25 16.99
C ASN A 173 -1.40 -17.70 16.19
N MET A 174 -2.52 -17.41 16.85
CA MET A 174 -3.67 -16.84 16.14
C MET A 174 -3.36 -15.46 15.59
N ASN A 175 -2.68 -14.61 16.37
CA ASN A 175 -2.31 -13.29 15.88
C ASN A 175 -1.35 -13.40 14.69
N ALA A 176 -0.36 -14.29 14.78
CA ALA A 176 0.58 -14.46 13.68
C ALA A 176 -0.13 -14.97 12.43
N THR A 177 -1.07 -15.91 12.59
CA THR A 177 -1.82 -16.42 11.45
C THR A 177 -2.68 -15.33 10.82
N ILE A 178 -3.28 -14.47 11.67
CA ILE A 178 -4.07 -13.35 11.15
C ILE A 178 -3.18 -12.43 10.32
N ARG A 179 -1.98 -12.12 10.82
CA ARG A 179 -1.07 -11.27 10.06
C ARG A 179 -0.62 -11.92 8.76
N ARG A 180 -0.34 -13.23 8.79
CA ARG A 180 0.06 -13.91 7.57
C ARG A 180 -1.06 -13.90 6.54
N ILE A 181 -2.30 -14.15 6.98
CA ILE A 181 -3.45 -14.09 6.07
C ILE A 181 -3.59 -12.69 5.49
N ASP A 182 -3.43 -11.66 6.35
CA ASP A 182 -3.55 -10.29 5.89
C ASP A 182 -2.51 -9.96 4.82
N GLN A 183 -1.26 -10.38 5.04
CA GLN A 183 -0.20 -10.07 4.08
C GLN A 183 -0.38 -10.84 2.78
N LEU A 184 -0.71 -12.13 2.87
CA LEU A 184 -0.93 -12.91 1.65
C LEU A 184 -2.10 -12.35 0.84
N THR A 185 -3.17 -11.94 1.52
CA THR A 185 -4.27 -11.30 0.81
C THR A 185 -3.83 -9.97 0.21
N ASN A 186 -3.04 -9.19 0.94
CA ASN A 186 -2.57 -7.91 0.44
C ASN A 186 -1.74 -8.08 -0.83
N ILE A 187 -1.00 -9.18 -0.93
CA ILE A 187 -0.18 -9.41 -2.13
C ILE A 187 -0.93 -10.14 -3.24
N LEU A 188 -2.00 -10.87 -2.92
CA LEU A 188 -2.70 -11.68 -3.92
C LEU A 188 -3.93 -11.01 -4.51
N ALA A 189 -4.72 -10.30 -3.69
CA ALA A 189 -5.92 -9.65 -4.21
C ALA A 189 -5.64 -8.64 -5.30
N PRO A 190 -4.63 -7.76 -5.19
CA PRO A 190 -4.30 -6.90 -6.34
C PRO A 190 -3.99 -7.68 -7.60
N MET A 191 -3.27 -8.81 -7.50
CA MET A 191 -2.99 -9.60 -8.68
C MET A 191 -4.26 -10.16 -9.29
N ALA A 192 -5.14 -10.72 -8.46
CA ALA A 192 -6.38 -11.30 -8.98
C ALA A 192 -7.25 -10.23 -9.64
N VAL A 193 -7.41 -9.08 -8.99
CA VAL A 193 -8.25 -8.04 -9.56
C VAL A 193 -7.63 -7.46 -10.82
N GLY A 194 -6.31 -7.31 -10.85
CA GLY A 194 -5.66 -6.83 -12.07
C GLY A 194 -5.85 -7.78 -13.23
N GLN A 195 -5.66 -9.08 -12.98
CA GLN A 195 -5.87 -10.07 -14.04
C GLN A 195 -7.31 -10.06 -14.52
N ILE A 196 -8.27 -10.00 -13.59
CA ILE A 196 -9.67 -9.98 -13.99
C ILE A 196 -9.98 -8.73 -14.81
N MET A 197 -9.51 -7.58 -14.35
CA MET A 197 -9.78 -6.33 -15.05
C MET A 197 -9.18 -6.36 -16.45
N THR A 198 -7.93 -6.81 -16.58
CA THR A 198 -7.29 -6.83 -17.89
C THR A 198 -7.97 -7.81 -18.84
N PHE A 199 -8.21 -9.05 -18.39
CA PHE A 199 -8.84 -10.03 -19.26
C PHE A 199 -10.29 -9.68 -19.58
N GLY A 200 -10.92 -8.80 -18.78
CA GLY A 200 -12.25 -8.33 -19.08
C GLY A 200 -12.28 -6.87 -19.46
N SER A 201 -12.52 -6.04 -18.46
CA SER A 201 -12.70 -4.60 -18.54
C SER A 201 -12.86 -4.11 -17.09
N PRO A 202 -12.53 -2.85 -16.80
CA PRO A 202 -12.70 -2.37 -15.42
C PRO A 202 -14.13 -2.47 -14.92
N VAL A 203 -15.12 -2.32 -15.81
CA VAL A 203 -16.50 -2.50 -15.40
C VAL A 203 -16.75 -3.93 -14.95
N ILE A 204 -16.21 -4.91 -15.69
CA ILE A 204 -16.34 -6.31 -15.28
C ILE A 204 -15.65 -6.54 -13.96
N GLY A 205 -14.48 -5.93 -13.76
CA GLY A 205 -13.78 -6.08 -12.49
C GLY A 205 -14.59 -5.55 -11.32
N CYS A 206 -15.17 -4.36 -11.49
CA CYS A 206 -15.97 -3.77 -10.41
C CYS A 206 -17.24 -4.58 -10.15
N GLY A 207 -17.88 -5.09 -11.20
CA GLY A 207 -19.03 -5.94 -11.01
C GLY A 207 -18.69 -7.22 -10.27
N PHE A 208 -17.57 -7.85 -10.62
CA PHE A 208 -17.12 -9.03 -9.90
C PHE A 208 -16.84 -8.71 -8.44
N ILE A 209 -16.21 -7.56 -8.19
CA ILE A 209 -15.91 -7.17 -6.80
C ILE A 209 -17.20 -6.99 -6.02
N SER A 210 -18.20 -6.33 -6.61
CA SER A 210 -19.46 -6.14 -5.91
C SER A 210 -20.15 -7.47 -5.62
N GLY A 211 -20.21 -8.35 -6.62
CA GLY A 211 -20.84 -9.65 -6.40
C GLY A 211 -20.11 -10.49 -5.37
N TRP A 212 -18.78 -10.49 -5.42
CA TRP A 212 -17.98 -11.22 -4.44
C TRP A 212 -18.20 -10.67 -3.04
N ASN A 213 -18.28 -9.35 -2.90
CA ASN A 213 -18.51 -8.77 -1.58
C ASN A 213 -19.90 -9.14 -1.06
N LEU A 214 -20.90 -9.16 -1.93
CA LEU A 214 -22.23 -9.60 -1.51
C LEU A 214 -22.21 -11.04 -1.01
N VAL A 215 -21.63 -11.95 -1.80
CA VAL A 215 -21.58 -13.35 -1.42
C VAL A 215 -20.75 -13.53 -0.14
N SER A 216 -19.67 -12.77 -0.02
CA SER A 216 -18.81 -12.89 1.16
C SER A 216 -19.52 -12.36 2.40
N MET A 217 -20.32 -11.32 2.26
CA MET A 217 -21.13 -10.87 3.40
C MET A 217 -22.10 -11.96 3.82
N CYS A 218 -22.78 -12.57 2.85
CA CYS A 218 -23.72 -13.64 3.19
C CYS A 218 -23.02 -14.80 3.89
N VAL A 219 -21.81 -15.15 3.43
CA VAL A 219 -21.08 -16.25 4.06
C VAL A 219 -20.58 -15.87 5.44
N GLU A 220 -20.01 -14.67 5.58
CA GLU A 220 -19.40 -14.25 6.84
C GLU A 220 -20.42 -14.04 7.94
N TYR A 221 -21.65 -13.65 7.59
CA TYR A 221 -22.70 -13.60 8.60
C TYR A 221 -22.87 -14.96 9.28
N VAL A 222 -23.02 -16.02 8.48
CA VAL A 222 -23.18 -17.35 9.02
C VAL A 222 -21.90 -17.80 9.73
N LEU A 223 -20.74 -17.41 9.20
CA LEU A 223 -19.48 -17.79 9.84
C LEU A 223 -19.36 -17.19 11.24
N LEU A 224 -19.69 -15.91 11.39
CA LEU A 224 -19.65 -15.29 12.70
C LEU A 224 -20.69 -15.90 13.63
N TRP A 225 -21.87 -16.21 13.11
CA TRP A 225 -22.88 -16.86 13.94
C TRP A 225 -22.40 -18.22 14.43
N LYS A 226 -21.73 -18.99 13.57
CA LYS A 226 -21.25 -20.31 13.98
C LYS A 226 -20.08 -20.19 14.95
N VAL A 227 -19.24 -19.18 14.79
CA VAL A 227 -18.18 -18.94 15.78
C VAL A 227 -18.80 -18.60 17.13
N TYR A 228 -19.89 -17.82 17.12
CA TYR A 228 -20.54 -17.43 18.36
C TYR A 228 -21.20 -18.60 19.07
N GLN A 229 -21.45 -19.71 18.36
CA GLN A 229 -22.07 -20.88 18.98
C GLN A 229 -21.03 -21.77 19.68
N LYS A 230 -19.95 -22.11 18.98
CA LYS A 230 -18.94 -23.01 19.51
C LYS A 230 -18.09 -22.39 20.61
N THR A 231 -18.21 -21.08 20.85
CA THR A 231 -17.50 -20.40 21.92
C THR A 231 -18.53 -19.80 22.87
N PRO A 232 -18.91 -20.54 23.92
CA PRO A 232 -19.94 -20.03 24.85
C PRO A 232 -19.47 -18.86 25.70
N ALA A 233 -18.17 -18.54 25.71
CA ALA A 233 -17.66 -17.44 26.51
C ALA A 233 -17.90 -16.08 25.87
N LEU A 234 -18.33 -16.04 24.62
CA LEU A 234 -18.58 -14.76 23.95
C LEU A 234 -19.88 -14.11 24.40
N ALA A 235 -20.78 -14.87 25.02
CA ALA A 235 -22.08 -14.36 25.44
C ALA A 235 -22.08 -13.75 26.84
N VAL A 236 -20.99 -13.90 27.60
CA VAL A 236 -20.96 -13.39 28.97
C VAL A 236 -20.64 -11.90 28.99
N LYS A 237 -19.46 -11.54 28.51
CA LYS A 237 -18.99 -10.15 28.52
C LYS A 237 -19.10 -9.50 29.90
N SER A 287 -26.80 21.61 21.56
CA SER A 287 -25.86 20.63 21.03
C SER A 287 -26.08 19.26 21.65
N GLN A 288 -26.36 18.27 20.81
CA GLN A 288 -26.59 16.90 21.27
C GLN A 288 -25.33 16.05 21.22
N MET A 289 -24.18 16.64 20.88
CA MET A 289 -22.93 15.91 20.81
C MET A 289 -22.15 15.93 22.11
N ALA A 290 -22.78 16.33 23.22
CA ALA A 290 -22.10 16.32 24.51
C ALA A 290 -21.72 14.90 24.92
N GLU A 291 -22.62 13.94 24.73
CA GLU A 291 -22.31 12.55 25.09
C GLU A 291 -21.19 11.96 24.24
N PRO A 292 -21.19 12.08 22.91
CA PRO A 292 -20.03 11.58 22.14
C PRO A 292 -18.72 12.23 22.54
N PHE A 293 -18.72 13.54 22.81
CA PHE A 293 -17.49 14.20 23.24
C PHE A 293 -17.04 13.69 24.60
N ARG A 294 -17.98 13.47 25.52
CA ARG A 294 -17.63 12.94 26.83
C ARG A 294 -17.04 11.54 26.70
N THR A 295 -17.63 10.70 25.84
CA THR A 295 -17.07 9.37 25.62
C THR A 295 -15.68 9.43 25.02
N PHE A 296 -15.47 10.35 24.07
CA PHE A 296 -14.15 10.54 23.47
C PHE A 296 -13.12 10.93 24.51
N ARG A 297 -13.46 11.92 25.35
CA ARG A 297 -12.53 12.37 26.38
C ARG A 297 -12.24 11.28 27.38
N ASP A 298 -13.28 10.54 27.81
CA ASP A 298 -13.07 9.45 28.76
C ASP A 298 -12.20 8.36 28.15
N GLY A 299 -12.40 8.06 26.87
CA GLY A 299 -11.57 7.06 26.23
C GLY A 299 -10.11 7.46 26.18
N TRP A 300 -9.84 8.71 25.80
CA TRP A 300 -8.45 9.15 25.75
C TRP A 300 -7.82 9.21 27.13
N VAL A 301 -8.57 9.65 28.14
CA VAL A 301 -8.04 9.69 29.50
C VAL A 301 -7.76 8.29 30.01
N SER A 302 -8.64 7.33 29.70
CA SER A 302 -8.39 5.94 30.09
C SER A 302 -7.17 5.38 29.38
N TYR A 303 -6.99 5.71 28.10
CA TYR A 303 -5.82 5.26 27.37
C TYR A 303 -4.54 5.81 27.99
N TYR A 304 -4.54 7.08 28.37
CA TYR A 304 -3.36 7.67 28.98
C TYR A 304 -3.02 7.03 30.33
N ASN A 305 -3.98 6.42 31.00
CA ASN A 305 -3.76 5.83 32.31
C ASN A 305 -3.52 4.33 32.27
N GLN A 306 -3.34 3.76 31.07
CA GLN A 306 -3.07 2.32 31.02
C GLN A 306 -1.58 2.07 31.21
N PRO A 307 -1.22 0.93 31.83
CA PRO A 307 0.21 0.56 31.86
C PRO A 307 0.80 0.38 30.48
N VAL A 308 0.04 -0.16 29.53
CA VAL A 308 0.48 -0.26 28.14
C VAL A 308 0.03 1.03 27.45
N PHE A 309 0.85 2.06 27.61
CA PHE A 309 0.66 3.33 26.92
C PHE A 309 1.86 3.73 26.10
N LEU A 310 3.07 3.53 26.61
CA LEU A 310 4.26 3.83 25.82
C LEU A 310 4.44 2.85 24.68
N ALA A 311 4.06 1.59 24.86
CA ALA A 311 4.09 0.64 23.75
C ALA A 311 3.12 1.06 22.65
N GLY A 312 1.92 1.48 23.03
CA GLY A 312 0.98 1.98 22.04
C GLY A 312 1.48 3.23 21.34
N MET A 313 2.13 4.13 22.10
CA MET A 313 2.72 5.33 21.49
C MET A 313 3.82 4.96 20.51
N GLY A 314 4.66 3.98 20.84
CA GLY A 314 5.68 3.53 19.92
C GLY A 314 5.09 2.93 18.65
N LEU A 315 4.05 2.10 18.81
CA LEU A 315 3.42 1.51 17.64
C LEU A 315 2.80 2.59 16.76
N ALA A 316 2.20 3.60 17.37
CA ALA A 316 1.63 4.71 16.60
C ALA A 316 2.72 5.49 15.88
N PHE A 317 3.82 5.78 16.57
CA PHE A 317 4.92 6.52 15.96
C PHE A 317 5.53 5.76 14.79
N LEU A 318 5.48 4.42 14.84
CA LEU A 318 5.98 3.63 13.72
C LEU A 318 5.18 3.84 12.43
N TYR A 319 4.06 4.56 12.48
CA TYR A 319 3.26 4.84 11.29
C TYR A 319 3.71 6.08 10.55
N MET A 320 4.63 6.87 11.11
CA MET A 320 5.08 8.12 10.51
C MET A 320 6.07 7.91 9.37
N THR A 321 6.32 6.67 8.97
CA THR A 321 7.38 6.38 8.02
C THR A 321 6.89 6.54 6.59
N VAL A 322 7.77 7.06 5.73
CA VAL A 322 7.55 7.06 4.28
C VAL A 322 8.08 5.78 3.64
N LEU A 323 9.01 5.09 4.31
CA LEU A 323 9.69 3.93 3.75
C LEU A 323 8.78 2.72 3.84
N GLY A 324 8.09 2.40 2.75
CA GLY A 324 7.21 1.24 2.72
C GLY A 324 6.62 0.97 1.36
N PHE A 325 6.41 -0.31 1.04
CA PHE A 325 5.92 -0.73 -0.27
C PHE A 325 4.67 -1.59 -0.17
N ASP A 326 3.91 -1.48 0.92
CA ASP A 326 2.76 -2.35 1.15
C ASP A 326 1.44 -1.76 0.70
N CYS A 327 1.44 -0.57 0.09
CA CYS A 327 0.22 0.10 -0.31
C CYS A 327 0.22 0.36 -1.80
N ILE A 328 -0.88 0.03 -2.48
CA ILE A 328 -1.00 0.25 -3.91
C ILE A 328 -0.93 1.75 -4.22
N THR A 329 -1.75 2.53 -3.54
CA THR A 329 -1.75 3.99 -3.64
C THR A 329 -1.29 4.56 -2.31
N THR A 330 -1.17 5.89 -2.27
CA THR A 330 -0.66 6.64 -1.13
C THR A 330 0.75 6.23 -0.72
N GLY A 331 1.44 5.47 -1.57
CA GLY A 331 2.82 5.12 -1.32
C GLY A 331 3.74 6.14 -1.96
N TYR A 332 4.81 6.49 -1.26
CA TYR A 332 5.70 7.54 -1.74
C TYR A 332 6.40 7.13 -3.02
N ALA A 333 6.77 5.86 -3.14
CA ALA A 333 7.46 5.39 -4.35
C ALA A 333 6.57 5.54 -5.58
N TYR A 334 5.29 5.16 -5.47
CA TYR A 334 4.38 5.31 -6.59
C TYR A 334 4.14 6.77 -6.93
N THR A 335 3.93 7.61 -5.92
CA THR A 335 3.75 9.04 -6.16
C THR A 335 4.99 9.65 -6.82
N GLN A 336 6.17 9.12 -6.51
CA GLN A 336 7.40 9.66 -7.08
C GLN A 336 7.55 9.34 -8.55
N GLY A 337 6.97 8.24 -9.01
CA GLY A 337 7.03 7.85 -10.39
C GLY A 337 7.80 6.58 -10.69
N LEU A 338 8.02 5.72 -9.69
CA LEU A 338 8.74 4.48 -9.92
C LEU A 338 7.92 3.56 -10.82
N SER A 339 8.62 2.75 -11.61
CA SER A 339 7.96 1.91 -12.61
C SER A 339 7.09 0.86 -11.92
N GLY A 340 6.03 0.45 -12.63
CA GLY A 340 5.08 -0.48 -12.05
C GLY A 340 5.69 -1.84 -11.73
N SER A 341 6.59 -2.32 -12.59
CA SER A 341 7.20 -3.64 -12.38
C SER A 341 8.05 -3.64 -11.11
N ILE A 342 8.85 -2.59 -10.92
CA ILE A 342 9.68 -2.52 -9.72
C ILE A 342 8.81 -2.39 -8.47
N LEU A 343 7.72 -1.62 -8.56
CA LEU A 343 6.82 -1.50 -7.42
C LEU A 343 6.18 -2.84 -7.08
N SER A 344 5.78 -3.60 -8.09
CA SER A 344 5.19 -4.92 -7.84
C SER A 344 6.21 -5.86 -7.21
N ILE A 345 7.45 -5.85 -7.71
CA ILE A 345 8.49 -6.72 -7.14
C ILE A 345 8.75 -6.34 -5.69
N LEU A 346 8.84 -5.04 -5.41
CA LEU A 346 9.09 -4.60 -4.04
C LEU A 346 7.94 -4.95 -3.12
N MET A 347 6.69 -4.82 -3.59
CA MET A 347 5.56 -5.20 -2.76
C MET A 347 5.56 -6.69 -2.46
N GLY A 348 5.89 -7.52 -3.46
CA GLY A 348 5.98 -8.95 -3.21
C GLY A 348 7.07 -9.30 -2.21
N ALA A 349 8.23 -8.66 -2.34
CA ALA A 349 9.31 -8.89 -1.40
C ALA A 349 8.92 -8.45 0.00
N SER A 350 8.22 -7.32 0.12
CA SER A 350 7.76 -6.86 1.41
C SER A 350 6.77 -7.84 2.02
N ALA A 351 5.88 -8.42 1.20
CA ALA A 351 4.92 -9.38 1.73
C ALA A 351 5.60 -10.64 2.25
N ILE A 352 6.54 -11.20 1.47
CA ILE A 352 7.22 -12.41 1.93
C ILE A 352 8.05 -12.12 3.17
N THR A 353 8.71 -10.96 3.22
CA THR A 353 9.49 -10.62 4.39
C THR A 353 8.60 -10.35 5.60
N GLY A 354 7.38 -9.86 5.39
CA GLY A 354 6.46 -9.70 6.50
C GLY A 354 5.99 -11.03 7.06
N ILE A 355 5.76 -12.00 6.18
CA ILE A 355 5.46 -13.36 6.66
C ILE A 355 6.63 -13.89 7.47
N MET A 356 7.85 -13.70 6.98
CA MET A 356 9.02 -14.12 7.74
C MET A 356 9.11 -13.40 9.08
N GLY A 357 8.70 -12.13 9.12
CA GLY A 357 8.72 -11.41 10.39
C GLY A 357 7.69 -11.92 11.39
N THR A 358 6.50 -12.29 10.91
CA THR A 358 5.52 -12.90 11.81
C THR A 358 6.04 -14.23 12.35
N VAL A 359 6.69 -15.03 11.50
CA VAL A 359 7.30 -16.27 11.97
C VAL A 359 8.37 -15.97 13.02
N ALA A 360 9.18 -14.93 12.79
CA ALA A 360 10.20 -14.55 13.75
C ALA A 360 9.61 -14.15 15.08
N PHE A 361 8.50 -13.41 15.06
CA PHE A 361 7.83 -13.05 16.31
C PHE A 361 7.33 -14.28 17.05
N THR A 362 6.70 -15.21 16.31
CA THR A 362 6.19 -16.41 16.96
C THR A 362 7.31 -17.23 17.59
N TRP A 363 8.48 -17.29 16.94
CA TRP A 363 9.60 -18.01 17.52
C TRP A 363 10.19 -17.27 18.71
N LEU A 364 10.35 -15.95 18.60
CA LEU A 364 10.98 -15.18 19.64
C LEU A 364 10.16 -15.17 20.93
N ARG A 365 8.83 -15.07 20.80
CA ARG A 365 8.00 -14.97 22.00
C ARG A 365 8.18 -16.16 22.92
N ARG A 366 8.45 -17.35 22.38
CA ARG A 366 8.66 -18.52 23.22
C ARG A 366 10.00 -18.49 23.93
N LYS A 367 11.07 -18.11 23.23
CA LYS A 367 12.40 -18.14 23.83
C LYS A 367 12.58 -16.99 24.81
N CYS A 368 12.49 -15.77 24.31
CA CYS A 368 12.52 -14.58 25.17
C CYS A 368 11.13 -14.38 25.78
N GLY A 369 10.91 -13.23 26.40
CA GLY A 369 9.58 -12.90 26.88
C GLY A 369 8.72 -12.33 25.78
N LEU A 370 7.88 -11.35 26.12
CA LEU A 370 7.15 -10.58 25.13
C LEU A 370 7.73 -9.18 24.96
N VAL A 371 8.05 -8.52 26.07
CA VAL A 371 8.72 -7.23 26.00
C VAL A 371 10.11 -7.39 25.37
N ARG A 372 10.80 -8.48 25.69
CA ARG A 372 12.07 -8.77 25.03
C ARG A 372 11.88 -8.94 23.53
N THR A 373 10.80 -9.61 23.12
CA THR A 373 10.51 -9.75 21.69
C THR A 373 10.30 -8.40 21.04
N GLY A 374 9.57 -7.52 21.71
CA GLY A 374 9.39 -6.17 21.18
C GLY A 374 10.70 -5.43 21.04
N LEU A 375 11.58 -5.54 22.06
CA LEU A 375 12.87 -4.87 22.00
C LEU A 375 13.72 -5.40 20.84
N ILE A 376 13.75 -6.73 20.67
CA ILE A 376 14.56 -7.31 19.61
C ILE A 376 14.02 -6.91 18.23
N SER A 377 12.69 -6.91 18.08
CA SER A 377 12.11 -6.48 16.80
C SER A 377 12.42 -5.02 16.51
N GLY A 378 12.33 -4.16 17.53
CA GLY A 378 12.70 -2.77 17.34
C GLY A 378 14.16 -2.60 16.97
N LEU A 379 15.03 -3.39 17.60
CA LEU A 379 16.45 -3.34 17.26
C LEU A 379 16.69 -3.74 15.81
N ALA A 380 16.01 -4.80 15.35
CA ALA A 380 16.14 -5.22 13.97
C ALA A 380 15.67 -4.14 13.01
N GLN A 381 14.49 -3.56 13.28
CA GLN A 381 13.98 -2.53 12.40
C GLN A 381 14.88 -1.31 12.36
N LEU A 382 15.43 -0.92 13.51
CA LEU A 382 16.34 0.22 13.55
C LEU A 382 17.63 -0.06 12.80
N SER A 383 18.15 -1.29 12.89
CA SER A 383 19.35 -1.64 12.13
C SER A 383 19.09 -1.55 10.63
N CYS A 384 17.96 -2.08 10.18
CA CYS A 384 17.64 -2.04 8.75
C CYS A 384 17.43 -0.61 8.28
N LEU A 385 16.76 0.22 9.08
CA LEU A 385 16.60 1.61 8.70
C LEU A 385 17.92 2.37 8.76
N ILE A 386 18.86 1.93 9.61
CA ILE A 386 20.20 2.49 9.58
C ILE A 386 20.88 2.16 8.25
N LEU A 387 20.69 0.94 7.76
CA LEU A 387 21.16 0.60 6.42
C LEU A 387 20.54 1.52 5.38
N CYS A 388 19.24 1.80 5.50
CA CYS A 388 18.58 2.71 4.57
C CYS A 388 19.17 4.12 4.64
N VAL A 389 19.46 4.61 5.85
CA VAL A 389 20.05 5.93 6.01
C VAL A 389 21.45 5.96 5.38
N ILE A 390 22.23 4.90 5.58
CA ILE A 390 23.54 4.81 4.93
C ILE A 390 23.38 4.87 3.42
N SER A 391 22.34 4.23 2.90
CA SER A 391 22.05 4.32 1.47
C SER A 391 21.78 5.77 1.06
N VAL A 392 20.97 6.47 1.84
CA VAL A 392 20.60 7.84 1.49
C VAL A 392 21.82 8.76 1.51
N PHE A 393 22.66 8.64 2.53
CA PHE A 393 23.84 9.49 2.66
C PHE A 393 25.00 9.04 1.80
N MET A 394 24.90 7.89 1.13
CA MET A 394 26.00 7.40 0.31
C MET A 394 26.19 8.30 -0.90
N PRO A 395 27.43 8.75 -1.17
CA PRO A 395 27.76 9.62 -2.30
C PRO A 395 27.35 9.04 -3.65
N SER A 450 22.67 11.16 -12.15
CA SER A 450 21.74 10.11 -11.73
C SER A 450 22.07 9.64 -10.32
N VAL A 451 21.66 8.42 -10.01
CA VAL A 451 21.93 7.82 -8.71
C VAL A 451 22.55 6.44 -8.92
N PRO A 452 23.62 6.11 -8.20
CA PRO A 452 24.22 4.77 -8.34
C PRO A 452 23.22 3.69 -7.95
N ILE A 453 23.30 2.56 -8.66
CA ILE A 453 22.42 1.42 -8.36
C ILE A 453 22.71 0.86 -6.97
N ILE A 454 23.92 1.10 -6.45
CA ILE A 454 24.25 0.63 -5.11
C ILE A 454 23.34 1.27 -4.07
N SER A 455 23.14 2.59 -4.18
CA SER A 455 22.27 3.28 -3.23
C SER A 455 20.84 2.77 -3.31
N VAL A 456 20.33 2.57 -4.52
CA VAL A 456 18.95 2.10 -4.68
C VAL A 456 18.79 0.71 -4.10
N SER A 457 19.74 -0.19 -4.38
CA SER A 457 19.67 -1.55 -3.85
C SER A 457 19.74 -1.54 -2.32
N LEU A 458 20.64 -0.73 -1.77
CA LEU A 458 20.73 -0.63 -0.31
C LEU A 458 19.43 -0.11 0.29
N LEU A 459 18.83 0.90 -0.35
CA LEU A 459 17.57 1.45 0.16
C LEU A 459 16.46 0.40 0.13
N PHE A 460 16.35 -0.35 -0.97
CA PHE A 460 15.32 -1.37 -1.06
C PHE A 460 15.53 -2.47 -0.02
N ALA A 461 16.78 -2.93 0.12
CA ALA A 461 17.07 -3.95 1.12
C ALA A 461 16.77 -3.45 2.52
N GLY A 462 17.13 -2.18 2.81
CA GLY A 462 16.84 -1.62 4.11
C GLY A 462 15.35 -1.56 4.39
N VAL A 463 14.55 -1.13 3.42
CA VAL A 463 13.11 -1.06 3.62
C VAL A 463 12.52 -2.46 3.85
N ILE A 464 12.96 -3.44 3.06
CA ILE A 464 12.39 -4.79 3.18
C ILE A 464 12.75 -5.41 4.54
N ALA A 465 14.03 -5.33 4.92
CA ALA A 465 14.43 -5.85 6.21
C ALA A 465 13.81 -5.05 7.36
N ALA A 466 13.51 -3.77 7.12
CA ALA A 466 12.75 -3.02 8.12
C ALA A 466 11.35 -3.60 8.28
N ARG A 467 10.73 -4.01 7.18
CA ARG A 467 9.42 -4.66 7.29
C ARG A 467 9.50 -5.94 8.10
N ILE A 468 10.53 -6.76 7.84
CA ILE A 468 10.65 -8.03 8.57
C ILE A 468 10.89 -7.77 10.05
N GLY A 469 11.61 -6.69 10.38
CA GLY A 469 11.80 -6.37 11.78
C GLY A 469 10.68 -5.60 12.44
N LEU A 470 9.76 -5.04 11.65
CA LEU A 470 8.66 -4.24 12.17
C LEU A 470 7.40 -5.04 12.40
N TRP A 471 7.13 -6.07 11.59
CA TRP A 471 5.94 -6.87 11.82
C TRP A 471 5.99 -7.60 13.15
N SER A 472 7.18 -8.04 13.57
CA SER A 472 7.31 -8.66 14.89
C SER A 472 6.97 -7.68 16.00
N PHE A 473 7.42 -6.42 15.89
CA PHE A 473 7.07 -5.42 16.88
C PHE A 473 5.59 -5.12 16.88
N ASP A 474 4.98 -5.07 15.70
CA ASP A 474 3.54 -4.84 15.62
C ASP A 474 2.78 -5.95 16.32
N LEU A 475 3.18 -7.21 16.09
CA LEU A 475 2.54 -8.32 16.77
C LEU A 475 2.78 -8.27 18.27
N THR A 476 3.97 -7.86 18.70
CA THR A 476 4.25 -7.74 20.13
C THR A 476 3.35 -6.72 20.79
N VAL A 477 3.18 -5.55 20.17
CA VAL A 477 2.31 -4.53 20.75
C VAL A 477 0.86 -4.98 20.72
N THR A 478 0.45 -5.69 19.65
CA THR A 478 -0.90 -6.23 19.59
C THR A 478 -1.15 -7.19 20.75
N GLN A 479 -0.19 -8.09 21.00
CA GLN A 479 -0.33 -9.03 22.12
C GLN A 479 -0.36 -8.31 23.45
N LEU A 480 0.47 -7.28 23.61
CA LEU A 480 0.47 -6.53 24.86
C LEU A 480 -0.87 -5.85 25.10
N LEU A 481 -1.45 -5.25 24.06
CA LEU A 481 -2.76 -4.63 24.21
C LEU A 481 -3.83 -5.67 24.52
N GLN A 482 -3.77 -6.84 23.87
CA GLN A 482 -4.76 -7.88 24.11
C GLN A 482 -4.66 -8.42 25.54
N GLU A 483 -3.44 -8.52 26.06
CA GLU A 483 -3.26 -9.16 27.37
C GLU A 483 -3.49 -8.19 28.52
N ASN A 484 -2.97 -6.97 28.43
CA ASN A 484 -2.88 -6.07 29.58
C ASN A 484 -3.99 -5.03 29.62
N VAL A 485 -5.03 -5.18 28.81
CA VAL A 485 -6.19 -4.30 28.83
C VAL A 485 -7.38 -5.10 29.33
N ILE A 486 -8.02 -4.63 30.40
CA ILE A 486 -9.13 -5.35 31.01
C ILE A 486 -10.30 -5.44 30.04
N GLU A 487 -11.13 -6.46 30.23
CA GLU A 487 -12.23 -6.72 29.31
C GLU A 487 -13.23 -5.56 29.25
N SER A 488 -13.33 -4.77 30.32
CA SER A 488 -14.27 -3.66 30.33
C SER A 488 -13.82 -2.50 29.46
N GLU A 489 -12.51 -2.31 29.29
CA GLU A 489 -11.95 -1.19 28.54
C GLU A 489 -11.31 -1.62 27.23
N ARG A 490 -11.56 -2.86 26.79
CA ARG A 490 -10.84 -3.38 25.63
C ARG A 490 -11.18 -2.60 24.37
N GLY A 491 -12.47 -2.45 24.08
CA GLY A 491 -12.87 -1.78 22.86
C GLY A 491 -12.43 -0.32 22.81
N ILE A 492 -12.62 0.39 23.92
CA ILE A 492 -12.28 1.82 23.95
C ILE A 492 -10.78 2.01 23.80
N ILE A 493 -9.98 1.22 24.52
CA ILE A 493 -8.53 1.36 24.45
C ILE A 493 -8.02 1.04 23.04
N ASN A 494 -8.55 -0.03 22.44
CA ASN A 494 -8.10 -0.36 21.09
C ASN A 494 -8.56 0.69 20.07
N GLY A 495 -9.75 1.26 20.27
CA GLY A 495 -10.19 2.35 19.41
C GLY A 495 -9.29 3.57 19.52
N VAL A 496 -8.88 3.92 20.74
CA VAL A 496 -7.97 5.04 20.92
C VAL A 496 -6.61 4.73 20.31
N GLN A 497 -6.17 3.47 20.39
CA GLN A 497 -4.93 3.09 19.74
C GLN A 497 -5.00 3.27 18.23
N ASN A 498 -6.11 2.86 17.62
CA ASN A 498 -6.29 3.09 16.20
C ASN A 498 -6.35 4.59 15.89
N SER A 499 -6.95 5.37 16.79
CA SER A 499 -6.99 6.81 16.60
C SER A 499 -5.58 7.41 16.59
N MET A 500 -4.71 6.96 17.51
CA MET A 500 -3.33 7.43 17.51
C MET A 500 -2.59 7.01 16.25
N ASN A 501 -2.77 5.76 15.82
CA ASN A 501 -2.14 5.29 14.59
C ASN A 501 -2.53 6.17 13.42
N TYR A 502 -3.82 6.46 13.28
CA TYR A 502 -4.27 7.26 12.16
C TYR A 502 -3.90 8.73 12.31
N LEU A 503 -3.74 9.23 13.53
CA LEU A 503 -3.23 10.58 13.72
C LEU A 503 -1.81 10.71 13.20
N LEU A 504 -0.95 9.73 13.52
CA LEU A 504 0.41 9.81 13.00
C LEU A 504 0.48 9.51 11.52
N ASP A 505 -0.44 8.69 11.00
CA ASP A 505 -0.56 8.53 9.55
C ASP A 505 -0.98 9.85 8.90
N LEU A 506 -1.87 10.61 9.55
CA LEU A 506 -2.25 11.92 9.05
C LEU A 506 -1.06 12.87 9.02
N LEU A 507 -0.22 12.82 10.06
CA LEU A 507 1.00 13.61 10.04
C LEU A 507 1.91 13.19 8.89
N HIS A 508 2.00 11.88 8.63
CA HIS A 508 2.79 11.40 7.50
C HIS A 508 2.27 11.95 6.17
N PHE A 509 0.95 11.94 5.99
CA PHE A 509 0.38 12.48 4.76
C PHE A 509 0.61 13.98 4.64
N ILE A 510 0.53 14.71 5.74
CA ILE A 510 0.84 16.13 5.71
C ILE A 510 2.28 16.37 5.29
N MET A 511 3.20 15.57 5.85
CA MET A 511 4.62 15.70 5.47
C MET A 511 4.83 15.39 4.00
N VAL A 512 4.16 14.35 3.48
CA VAL A 512 4.28 14.01 2.06
C VAL A 512 3.76 15.14 1.20
N ILE A 513 2.65 15.77 1.60
CA ILE A 513 2.11 16.89 0.85
C ILE A 513 3.10 18.05 0.83
N LEU A 514 3.69 18.37 1.97
CA LEU A 514 4.54 19.55 2.06
C LEU A 514 5.83 19.43 1.27
N ALA A 515 6.26 18.21 0.94
CA ALA A 515 7.53 17.98 0.25
C ALA A 515 7.30 17.07 -0.96
N PRO A 516 6.73 17.60 -2.04
CA PRO A 516 6.47 16.74 -3.21
C PRO A 516 7.64 16.69 -4.19
N ASN A 517 8.55 17.65 -4.09
CA ASN A 517 9.67 17.71 -5.02
C ASN A 517 10.61 16.53 -4.82
N PRO A 518 11.16 15.96 -5.88
CA PRO A 518 12.11 14.84 -5.72
C PRO A 518 13.31 15.20 -4.87
N GLU A 519 13.88 16.39 -5.04
CA GLU A 519 15.11 16.72 -4.35
C GLU A 519 14.82 17.13 -2.91
N ALA A 520 13.98 16.34 -2.26
CA ALA A 520 13.81 16.38 -0.82
C ALA A 520 13.62 14.98 -0.25
N PHE A 521 13.59 13.95 -1.09
CA PHE A 521 13.33 12.60 -0.64
C PHE A 521 14.25 12.21 0.51
N GLY A 522 15.54 12.43 0.35
CA GLY A 522 16.51 12.19 1.40
C GLY A 522 16.03 12.70 2.74
N LEU A 523 15.66 13.99 2.78
CA LEU A 523 15.18 14.58 4.03
C LEU A 523 14.07 13.75 4.64
N LEU A 524 13.05 13.43 3.83
CA LEU A 524 11.93 12.62 4.33
C LEU A 524 12.44 11.35 4.99
N VAL A 525 13.37 10.66 4.32
CA VAL A 525 13.91 9.42 4.87
C VAL A 525 14.38 9.65 6.30
N LEU A 526 15.24 10.66 6.49
CA LEU A 526 15.75 10.94 7.82
C LEU A 526 14.60 11.10 8.79
N ILE A 527 13.65 11.98 8.45
CA ILE A 527 12.49 12.20 9.31
C ILE A 527 11.84 10.87 9.65
N SER A 528 11.52 10.09 8.62
CA SER A 528 10.87 8.80 8.84
C SER A 528 11.68 7.96 9.80
N VAL A 529 12.98 7.78 9.49
CA VAL A 529 13.82 6.96 10.34
C VAL A 529 13.83 7.52 11.75
N SER A 530 13.98 8.85 11.87
CA SER A 530 13.98 9.48 13.18
C SER A 530 12.76 9.05 13.97
N PHE A 531 11.58 9.16 13.37
CA PHE A 531 10.36 8.82 14.09
C PHE A 531 10.39 7.38 14.55
N VAL A 532 10.83 6.47 13.67
CA VAL A 532 10.93 5.07 14.07
C VAL A 532 11.79 4.95 15.32
N ALA A 533 12.98 5.57 15.28
CA ALA A 533 13.84 5.56 16.46
C ALA A 533 13.08 6.08 17.66
N MET A 534 12.46 7.25 17.51
CA MET A 534 11.69 7.84 18.60
C MET A 534 10.67 6.84 19.11
N GLY A 535 9.91 6.24 18.20
CA GLY A 535 8.91 5.26 18.61
C GLY A 535 9.53 4.17 19.46
N HIS A 536 10.62 3.57 18.96
CA HIS A 536 11.23 2.47 19.70
C HIS A 536 11.74 2.95 21.05
N ILE A 537 12.26 4.18 21.09
CA ILE A 537 12.71 4.73 22.37
C ILE A 537 11.57 4.69 23.38
N MET A 538 10.38 5.13 22.95
CA MET A 538 9.23 5.06 23.84
C MET A 538 9.00 3.64 24.33
N TYR A 539 9.00 2.67 23.40
CA TYR A 539 8.81 1.29 23.81
C TYR A 539 9.88 0.88 24.80
N PHE A 540 11.12 1.32 24.58
CA PHE A 540 12.19 0.98 25.51
C PHE A 540 11.85 1.45 26.92
N ARG A 541 11.32 2.68 27.04
CA ARG A 541 10.92 3.17 28.35
C ARG A 541 9.87 2.24 28.96
N PHE A 542 8.91 1.79 28.16
CA PHE A 542 7.92 0.83 28.63
C PHE A 542 8.62 -0.39 29.23
N ALA A 543 9.64 -0.90 28.55
CA ALA A 543 10.38 -2.02 29.08
C ALA A 543 10.95 -1.71 30.45
N GLN A 544 11.58 -0.54 30.59
CA GLN A 544 12.14 -0.16 31.89
C GLN A 544 11.06 -0.03 32.95
N ASN A 545 9.83 0.28 32.54
CA ASN A 545 8.74 0.39 33.49
C ASN A 545 8.11 -0.95 33.84
N THR A 546 8.43 -2.02 33.11
CA THR A 546 7.78 -3.30 33.31
C THR A 546 8.70 -4.36 33.91
N LEU A 547 9.88 -4.55 33.32
CA LEU A 547 10.79 -5.61 33.73
C LEU A 547 11.90 -5.12 34.67
N GLY A 548 12.66 -4.12 34.23
CA GLY A 548 13.85 -3.71 34.97
C GLY A 548 15.06 -4.59 34.75
N ASN A 549 14.99 -5.53 33.80
CA ASN A 549 16.07 -6.47 33.54
C ASN A 549 16.29 -6.57 32.03
N LYS A 550 17.50 -6.97 31.66
CA LYS A 550 17.84 -7.16 30.26
C LYS A 550 17.59 -8.60 29.84
N VAL B 2 0.36 11.61 -19.75
CA VAL B 2 1.74 11.19 -19.58
C VAL B 2 2.39 10.91 -20.93
N GLN B 3 1.93 11.62 -21.95
CA GLN B 3 2.44 11.42 -23.30
C GLN B 3 3.87 11.97 -23.43
N LEU B 4 4.60 11.42 -24.39
CA LEU B 4 5.95 11.85 -24.70
C LEU B 4 6.08 12.09 -26.20
N VAL B 5 6.92 13.05 -26.56
CA VAL B 5 7.07 13.45 -27.95
C VAL B 5 8.48 13.10 -28.42
N GLU B 6 8.63 13.04 -29.75
CA GLU B 6 9.91 12.76 -30.38
C GLU B 6 10.28 13.89 -31.33
N SER B 7 11.58 14.08 -31.52
CA SER B 7 12.08 15.09 -32.43
C SER B 7 13.47 14.70 -32.90
N GLY B 8 13.93 15.35 -33.96
CA GLY B 8 15.24 15.12 -34.51
C GLY B 8 15.33 14.24 -35.73
N GLY B 9 14.19 13.82 -36.29
CA GLY B 9 14.20 13.00 -37.48
C GLY B 9 14.46 13.80 -38.74
N GLY B 10 14.68 13.07 -39.82
CA GLY B 10 14.93 13.70 -41.11
C GLY B 10 15.58 12.71 -42.05
N LEU B 11 16.13 13.27 -43.13
CA LEU B 11 16.81 12.50 -44.17
C LEU B 11 18.30 12.82 -44.13
N VAL B 12 19.12 11.78 -44.03
CA VAL B 12 20.57 11.92 -44.00
C VAL B 12 21.18 10.91 -44.96
N GLN B 13 22.39 11.22 -45.43
CA GLN B 13 23.12 10.32 -46.29
C GLN B 13 23.57 9.09 -45.51
N ALA B 14 23.68 7.96 -46.21
CA ALA B 14 24.12 6.73 -45.59
C ALA B 14 25.51 6.91 -44.97
N GLY B 15 25.68 6.35 -43.77
CA GLY B 15 26.92 6.52 -43.04
C GLY B 15 27.01 7.79 -42.21
N GLY B 16 25.93 8.56 -42.12
CA GLY B 16 25.92 9.78 -41.36
C GLY B 16 25.61 9.56 -39.89
N SER B 17 25.24 10.65 -39.22
CA SER B 17 24.92 10.63 -37.81
C SER B 17 23.60 11.34 -37.55
N LEU B 18 22.86 10.85 -36.56
CA LEU B 18 21.59 11.44 -36.17
C LEU B 18 21.42 11.33 -34.67
N ARG B 19 20.56 12.19 -34.13
CA ARG B 19 20.26 12.20 -32.70
C ARG B 19 18.77 12.43 -32.52
N LEU B 20 18.06 11.38 -32.11
CA LEU B 20 16.62 11.47 -31.84
C LEU B 20 16.41 11.75 -30.36
N SER B 21 15.61 12.77 -30.07
CA SER B 21 15.34 13.18 -28.69
C SER B 21 13.88 12.90 -28.36
N CYS B 22 13.64 12.17 -27.30
CA CYS B 22 12.30 11.88 -26.79
C CYS B 22 12.12 12.61 -25.48
N ALA B 23 11.17 13.53 -25.45
CA ALA B 23 10.88 14.33 -24.27
C ALA B 23 9.61 13.82 -23.60
N ALA B 24 9.72 13.50 -22.32
CA ALA B 24 8.62 13.00 -21.52
C ALA B 24 8.12 14.10 -20.57
N SER B 25 6.84 14.05 -20.24
CA SER B 25 6.21 15.10 -19.45
C SER B 25 5.62 14.62 -18.15
N GLY B 26 4.84 13.55 -18.17
CA GLY B 26 4.04 13.15 -17.02
C GLY B 26 4.67 12.17 -16.05
N PHE B 27 5.97 11.89 -16.18
CA PHE B 27 6.61 10.90 -15.33
C PHE B 27 8.11 11.16 -15.33
N PRO B 28 8.84 10.66 -14.34
CA PRO B 28 10.30 10.70 -14.41
C PRO B 28 10.82 9.68 -15.41
N VAL B 29 11.92 10.04 -16.08
CA VAL B 29 12.58 9.09 -16.97
C VAL B 29 13.72 8.36 -16.29
N ALA B 30 14.06 8.74 -15.06
CA ALA B 30 15.15 8.09 -14.33
C ALA B 30 14.72 6.81 -13.64
N TRP B 31 13.43 6.49 -13.64
CA TRP B 31 12.94 5.29 -12.97
C TRP B 31 12.07 4.41 -13.85
N ASN B 32 11.89 4.74 -15.13
CA ASN B 32 11.06 3.96 -16.04
C ASN B 32 11.92 3.44 -17.19
N GLU B 33 11.64 2.22 -17.62
CA GLU B 33 12.41 1.58 -18.68
C GLU B 33 12.04 2.20 -20.01
N MET B 34 12.85 3.17 -20.46
CA MET B 34 12.62 3.82 -21.74
C MET B 34 13.13 2.92 -22.87
N ARG B 35 12.39 2.92 -23.98
CA ARG B 35 12.72 2.05 -25.10
C ARG B 35 12.51 2.81 -26.41
N TRP B 36 13.15 2.30 -27.46
CA TRP B 36 12.97 2.81 -28.81
C TRP B 36 12.56 1.67 -29.74
N TYR B 37 11.64 1.96 -30.64
CA TYR B 37 11.15 0.96 -31.59
C TYR B 37 11.23 1.53 -33.00
N ARG B 38 11.48 0.64 -33.97
CA ARG B 38 11.47 0.98 -35.38
C ARG B 38 10.25 0.36 -36.04
N GLN B 39 9.59 1.14 -36.90
CA GLN B 39 8.48 0.65 -37.70
C GLN B 39 8.86 0.94 -39.16
N ALA B 40 9.28 -0.09 -39.87
CA ALA B 40 9.71 0.05 -41.24
C ALA B 40 8.53 -0.05 -42.19
N PRO B 41 8.62 0.54 -43.37
CA PRO B 41 7.49 0.48 -44.32
C PRO B 41 7.25 -0.94 -44.82
N GLY B 42 6.02 -1.41 -44.65
CA GLY B 42 5.62 -2.72 -45.10
C GLY B 42 5.80 -3.86 -44.12
N LYS B 43 6.37 -3.61 -42.94
CA LYS B 43 6.56 -4.65 -41.95
C LYS B 43 6.25 -4.11 -40.56
N GLU B 44 6.08 -5.03 -39.61
CA GLU B 44 5.69 -4.68 -38.26
C GLU B 44 6.85 -3.99 -37.53
N ARG B 45 6.51 -3.37 -36.40
CA ARG B 45 7.51 -2.70 -35.59
C ARG B 45 8.47 -3.70 -34.96
N GLU B 46 9.69 -3.25 -34.69
CA GLU B 46 10.72 -4.10 -34.12
C GLU B 46 11.46 -3.33 -33.03
N TRP B 47 12.08 -4.09 -32.13
CA TRP B 47 12.85 -3.53 -31.04
C TRP B 47 14.15 -2.90 -31.58
N VAL B 48 14.59 -1.82 -30.94
CA VAL B 48 15.81 -1.14 -31.35
C VAL B 48 16.78 -1.04 -30.17
N ALA B 49 16.34 -0.41 -29.09
CA ALA B 49 17.21 -0.20 -27.93
C ALA B 49 16.34 -0.06 -26.69
N ALA B 50 16.99 -0.10 -25.54
CA ALA B 50 16.30 0.03 -24.26
C ALA B 50 17.30 0.52 -23.22
N ILE B 51 16.76 0.93 -22.08
CA ILE B 51 17.59 1.38 -20.96
C ILE B 51 16.88 1.00 -19.67
N ALA B 52 17.66 0.59 -18.66
CA ALA B 52 17.08 0.07 -17.43
C ALA B 52 16.41 1.18 -16.64
N SER B 53 15.59 0.77 -15.67
CA SER B 53 14.83 1.70 -14.83
C SER B 53 15.62 2.13 -13.60
N ILE B 54 16.13 1.18 -12.83
CA ILE B 54 16.84 1.51 -11.60
C ILE B 54 18.22 2.08 -11.91
N GLY B 55 19.05 1.30 -12.59
CA GLY B 55 20.40 1.70 -12.93
C GLY B 55 20.47 2.35 -14.30
N VAL B 56 21.66 2.27 -14.89
CA VAL B 56 21.89 2.76 -16.25
C VAL B 56 22.57 1.61 -17.01
N THR B 57 21.76 0.79 -17.68
CA THR B 57 22.25 -0.29 -18.52
C THR B 57 21.50 -0.25 -19.85
N THR B 58 22.20 -0.55 -20.94
CA THR B 58 21.65 -0.45 -22.27
C THR B 58 21.53 -1.83 -22.90
N TYR B 59 20.45 -2.05 -23.65
CA TYR B 59 20.07 -3.37 -24.17
C TYR B 59 19.82 -3.31 -25.67
N TYR B 60 20.77 -2.78 -26.43
CA TYR B 60 20.61 -2.67 -27.88
C TYR B 60 20.35 -4.03 -28.51
N ALA B 61 19.49 -4.04 -29.52
CA ALA B 61 19.20 -5.27 -30.24
C ALA B 61 20.39 -5.66 -31.11
N ASP B 62 20.50 -6.96 -31.39
CA ASP B 62 21.66 -7.49 -32.10
C ASP B 62 21.79 -6.89 -33.49
N SER B 63 20.65 -6.65 -34.16
CA SER B 63 20.69 -6.11 -35.51
C SER B 63 21.31 -4.72 -35.56
N VAL B 64 21.20 -3.96 -34.48
CA VAL B 64 21.66 -2.57 -34.48
C VAL B 64 22.59 -2.31 -33.31
N LYS B 65 23.23 -3.37 -32.79
CA LYS B 65 24.13 -3.20 -31.65
C LYS B 65 25.50 -2.76 -32.13
N GLY B 66 26.05 -1.74 -31.49
CA GLY B 66 27.38 -1.26 -31.81
C GLY B 66 27.40 0.12 -32.43
N ARG B 67 26.45 0.37 -33.34
CA ARG B 67 26.36 1.66 -34.02
C ARG B 67 25.27 2.56 -33.45
N PHE B 68 24.57 2.12 -32.41
CA PHE B 68 23.53 2.91 -31.75
C PHE B 68 23.91 3.14 -30.30
N THR B 69 23.43 4.25 -29.74
CA THR B 69 23.61 4.55 -28.33
C THR B 69 22.32 5.13 -27.78
N ILE B 70 21.94 4.72 -26.58
CA ILE B 70 20.78 5.28 -25.89
C ILE B 70 21.25 5.86 -24.56
N SER B 71 20.93 7.12 -24.32
CA SER B 71 21.37 7.82 -23.12
C SER B 71 20.23 8.65 -22.56
N ARG B 72 19.95 8.51 -21.27
CA ARG B 72 18.90 9.29 -20.63
C ARG B 72 19.52 10.48 -19.91
N ASP B 73 18.74 11.56 -19.82
CA ASP B 73 19.11 12.76 -19.09
C ASP B 73 17.95 13.13 -18.19
N ASN B 74 18.16 13.02 -16.88
CA ASN B 74 17.09 13.28 -15.91
C ASN B 74 16.82 14.77 -15.73
N ALA B 75 17.84 15.61 -15.89
CA ALA B 75 17.65 17.05 -15.71
C ALA B 75 16.63 17.60 -16.70
N LYS B 76 16.76 17.25 -17.98
CA LYS B 76 15.80 17.62 -18.99
C LYS B 76 14.69 16.60 -19.17
N ASN B 77 14.79 15.45 -18.50
CA ASN B 77 13.79 14.39 -18.57
C ASN B 77 13.61 13.91 -20.01
N THR B 78 14.73 13.60 -20.66
CA THR B 78 14.73 13.21 -22.07
C THR B 78 15.54 11.94 -22.27
N VAL B 79 15.32 11.30 -23.41
CA VAL B 79 16.06 10.11 -23.82
C VAL B 79 16.56 10.32 -25.23
N TYR B 80 17.86 10.14 -25.44
CA TYR B 80 18.49 10.38 -26.72
C TYR B 80 18.95 9.07 -27.34
N LEU B 81 18.62 8.88 -28.61
CA LEU B 81 19.13 7.79 -29.43
C LEU B 81 20.10 8.40 -30.43
N GLN B 82 21.39 8.15 -30.22
CA GLN B 82 22.44 8.60 -31.12
C GLN B 82 22.74 7.48 -32.10
N MET B 83 22.45 7.71 -33.37
CA MET B 83 22.64 6.71 -34.43
C MET B 83 23.84 7.12 -35.26
N ASN B 84 24.80 6.21 -35.40
CA ASN B 84 26.02 6.44 -36.16
C ASN B 84 26.13 5.39 -37.26
N SER B 85 26.62 5.82 -38.42
CA SER B 85 26.81 4.93 -39.57
C SER B 85 25.49 4.30 -40.00
N LEU B 86 24.51 5.16 -40.29
CA LEU B 86 23.18 4.71 -40.66
C LEU B 86 23.22 3.98 -42.00
N LYS B 87 22.43 2.92 -42.09
CA LYS B 87 22.32 2.09 -43.28
C LYS B 87 20.99 2.34 -43.98
N PRO B 88 20.90 2.06 -45.28
CA PRO B 88 19.67 2.37 -46.02
C PRO B 88 18.44 1.63 -45.52
N GLU B 89 18.59 0.52 -44.82
CA GLU B 89 17.45 -0.23 -44.32
C GLU B 89 16.95 0.29 -42.98
N ASP B 90 17.57 1.34 -42.43
CA ASP B 90 17.11 1.94 -41.19
C ASP B 90 16.03 2.99 -41.39
N THR B 91 15.67 3.30 -42.64
CA THR B 91 14.59 4.23 -42.92
C THR B 91 13.28 3.69 -42.38
N ALA B 92 12.71 4.36 -41.39
CA ALA B 92 11.53 3.86 -40.68
C ALA B 92 10.92 5.02 -39.90
N VAL B 93 9.95 4.69 -39.05
CA VAL B 93 9.40 5.62 -38.07
C VAL B 93 9.80 5.12 -36.69
N TYR B 94 10.43 5.98 -35.91
CA TYR B 94 10.92 5.63 -34.59
C TYR B 94 9.91 6.06 -33.54
N TYR B 95 9.58 5.13 -32.65
CA TYR B 95 8.61 5.33 -31.59
C TYR B 95 9.32 5.26 -30.24
N CYS B 96 9.16 6.30 -29.43
CA CYS B 96 9.59 6.28 -28.05
C CYS B 96 8.57 5.53 -27.22
N ASN B 97 9.04 4.71 -26.29
CA ASN B 97 8.16 3.83 -25.54
C ASN B 97 8.53 3.85 -24.06
N VAL B 98 7.52 3.74 -23.22
CA VAL B 98 7.70 3.57 -21.77
C VAL B 98 6.98 2.29 -21.38
N LYS B 99 7.71 1.37 -20.76
CA LYS B 99 7.17 0.10 -20.32
C LYS B 99 6.96 0.11 -18.81
N ASP B 100 5.82 -0.44 -18.37
CA ASP B 100 5.55 -0.63 -16.95
C ASP B 100 5.55 0.70 -16.20
N TYR B 101 4.66 1.60 -16.62
CA TYR B 101 4.42 2.85 -15.92
C TYR B 101 3.03 2.81 -15.31
N GLY B 102 2.94 3.02 -14.01
CA GLY B 102 1.67 2.96 -13.32
C GLY B 102 1.90 2.71 -11.83
N MET B 103 0.90 2.14 -11.20
CA MET B 103 0.99 1.76 -9.80
C MET B 103 1.49 0.32 -9.69
N ALA B 104 1.35 -0.28 -8.52
CA ALA B 104 2.00 -1.55 -8.20
C ALA B 104 1.66 -2.66 -9.19
N PHE B 105 0.38 -3.04 -9.27
CA PHE B 105 -0.05 -4.15 -10.13
C PHE B 105 -0.94 -3.68 -11.27
N TRP B 106 -0.75 -2.43 -11.71
CA TRP B 106 -1.56 -1.86 -12.79
C TRP B 106 -0.66 -0.90 -13.55
N TYR B 107 -0.01 -1.41 -14.60
CA TYR B 107 0.92 -0.64 -15.40
C TYR B 107 0.74 -0.99 -16.86
N TYR B 108 1.18 -0.08 -17.73
CA TYR B 108 0.92 -0.19 -19.16
C TYR B 108 2.16 0.23 -19.93
N ASP B 109 2.01 0.29 -21.26
CA ASP B 109 3.04 0.79 -22.15
C ASP B 109 2.51 2.04 -22.83
N TYR B 110 3.29 3.12 -22.78
CA TYR B 110 2.91 4.39 -23.35
C TYR B 110 3.82 4.72 -24.51
N TRP B 111 3.23 5.01 -25.67
CA TRP B 111 3.97 5.24 -26.90
C TRP B 111 3.94 6.71 -27.27
N GLY B 112 4.88 7.10 -28.14
CA GLY B 112 4.96 8.45 -28.63
C GLY B 112 4.40 8.59 -30.04
N GLN B 113 4.36 9.84 -30.49
CA GLN B 113 3.88 10.12 -31.85
C GLN B 113 4.78 9.47 -32.89
N GLY B 114 6.09 9.54 -32.69
CA GLY B 114 7.04 8.94 -33.60
C GLY B 114 7.65 9.97 -34.55
N THR B 115 8.86 9.68 -34.99
CA THR B 115 9.58 10.57 -35.91
C THR B 115 10.09 9.77 -37.10
N GLN B 116 9.99 10.36 -38.28
CA GLN B 116 10.38 9.69 -39.52
C GLN B 116 11.88 9.89 -39.75
N VAL B 117 12.61 8.80 -39.93
CA VAL B 117 14.03 8.84 -40.24
C VAL B 117 14.24 8.15 -41.58
N THR B 118 14.88 8.85 -42.51
CA THR B 118 15.10 8.35 -43.87
C THR B 118 16.59 8.33 -44.15
N VAL B 119 17.07 7.22 -44.72
CA VAL B 119 18.46 7.05 -45.10
C VAL B 119 18.53 6.78 -46.60
N SER B 120 19.36 7.55 -47.29
CA SER B 120 19.52 7.41 -48.74
C SER B 120 21.00 7.36 -49.08
N ALA B 121 21.32 6.62 -50.14
CA ALA B 121 22.70 6.48 -50.59
C ALA B 121 22.92 7.23 -51.90
C1 PLC C . -2.87 -22.28 10.91
C2 PLC C . -2.52 -22.12 9.46
C3 PLC C . -3.69 -22.40 8.52
C4 PLC C . -1.51 -24.29 14.83
C5 PLC C . -0.10 -24.20 15.36
C6 PLC C . 0.16 -26.64 15.45
C7 PLC C . 2.09 -25.24 15.82
C8 PLC C . 1.13 -25.42 13.60
C' PLC C . -1.21 -20.57 8.17
C1' PLC C . -1.46 -19.28 7.45
C2' PLC C . -1.85 -19.48 6.02
C3' PLC C . -2.35 -18.20 5.36
C4' PLC C . -3.20 -18.43 4.14
C5' PLC C . -3.80 -17.16 3.58
C6' PLC C . -4.64 -17.35 2.35
C7' PLC C . -5.14 -16.06 1.75
C8' PLC C . -6.02 -16.23 0.54
CB PLC C . -5.66 -21.38 7.75
C1B PLC C . -5.96 -20.21 6.87
C2B PLC C . -7.21 -20.40 6.07
C3B PLC C . -7.46 -19.24 5.12
C4B PLC C . -8.81 -19.31 4.44
C5B PLC C . -8.81 -20.01 3.11
C6B PLC C . -9.03 -19.09 1.93
C7B PLC C . -10.34 -18.34 1.98
C8B PLC C . -10.40 -17.14 1.08
C9B PLC C . -10.33 -17.44 -0.39
CAA PLC C . -10.33 -16.23 -1.28
CBA PLC C . -10.29 -16.56 -2.75
O' PLC C . -0.37 -21.36 7.86
OB PLC C . -6.34 -22.36 7.85
O2 PLC C . -2.02 -20.78 9.22
O3 PLC C . -4.52 -21.23 8.41
O1P PLC C . -3.17 -21.77 13.80
O2P PLC C . -0.60 -21.46 13.90
O3P PLC C . -1.73 -21.93 11.73
O4P PLC C . -1.60 -23.72 13.50
N PLC C . 0.82 -25.37 15.06
P PLC C . -1.80 -22.14 13.32
N1 SZU D . 3.73 1.22 9.12
N3 SZU D . 1.71 4.54 5.87
C4 SZU D . 1.39 -1.96 9.81
C5 SZU D . 1.22 -2.56 11.03
C6 SZU D . 1.93 -2.08 12.13
C7 SZU D . 2.78 -1.01 11.95
C8 SZU D . 4.87 2.00 6.95
C10 SZU D . 4.16 2.98 5.17
C13 SZU D . 0.38 4.97 5.50
C15 SZU D . -1.78 4.27 4.44
C17 SZU D . -4.83 4.51 2.58
C20 SZU D . -4.93 5.86 5.01
C21 SZU D . -3.74 5.18 4.64
C1 SZU D . 4.96 1.48 8.38
C11 SZU D . 3.28 3.75 4.19
C12 SZU D . 2.64 4.97 4.85
C14 SZU D . -0.35 3.85 4.75
C16 SZU D . -3.69 4.52 3.43
C18 SZU D . -5.98 5.18 2.95
C19 SZU D . -6.03 5.86 4.17
C2 SZU D . 3.84 0.72 10.48
C3 SZU D . 2.89 -0.46 10.69
C9 SZU D . 5.84 1.86 5.97
F1 SZU D . 3.49 -0.51 13.00
N2 SZU D . 2.22 -0.94 9.66
N4 SZU D . -2.46 3.96 3.35
N5 SZU D . -2.54 5.01 5.24
N6 SZU D . 3.87 2.69 6.42
O1 SZU D . 6.01 1.29 8.87
O2 SZU D . 5.37 2.48 4.88
#